data_6F4P
#
_entry.id   6F4P
#
_cell.length_a   49.283
_cell.length_b   64.925
_cell.length_c   78.037
_cell.angle_alpha   90.00
_cell.angle_beta   90.00
_cell.angle_gamma   90.00
#
_symmetry.space_group_name_H-M   'P 21 21 21'
#
loop_
_entity.id
_entity.type
_entity.pdbx_description
1 polymer 'JmjC domain-containing protein 5'
2 polymer '40S ribosomal protein S6'
3 non-polymer 'MANGANESE (II) ION'
4 non-polymer N-OXALYLGLYCINE
5 non-polymer 2-AMINO-2-HYDROXYMETHYL-PROPANE-1,3-DIOL
6 water water
#
loop_
_entity_poly.entity_id
_entity_poly.type
_entity_poly.pdbx_seq_one_letter_code
_entity_poly.pdbx_strand_id
1 'polypeptide(L)'
;HHHHHHSSGVDLGTENLYFQSTVPRLHRPSLQHFREQFLVPGRPVILKGVADHWPAMQKWSLEYIQEIAGARTVPVEVGS
RYTDEEWSQTLMTVNEFISKYIVNEPRDVGYLAQHQLFDQIPELKQDISIPDYASLGDGEEEEITINAWFGPQGTISPLH
QDPQQNFLVQVMGRKYIRLYSPQESGALYPHDTHLLHNTSQVDVENPDLEKFPKFAKAPFLSAILSPGEILFIPVKYWHY
VRALDLSFSVSFWWS
;
A
2 'polypeptide(L)' VPRRLGPKRASRIRKL B
#
loop_
_chem_comp.id
_chem_comp.type
_chem_comp.name
_chem_comp.formula
MN non-polymer 'MANGANESE (II) ION' 'Mn 2'
OGA non-polymer N-OXALYLGLYCINE 'C4 H5 N O5'
TRS non-polymer 2-AMINO-2-HYDROXYMETHYL-PROPANE-1,3-DIOL 'C4 H12 N O3 1'
#
# COMPACT_ATOMS: atom_id res chain seq x y z
N GLN A 20 5.00 -16.97 -11.75
CA GLN A 20 4.41 -15.66 -12.03
C GLN A 20 2.95 -15.77 -12.48
N SER A 21 2.02 -15.37 -11.61
N SER A 21 2.05 -15.29 -11.62
CA SER A 21 0.59 -15.45 -11.90
CA SER A 21 0.62 -15.45 -11.81
C SER A 21 -0.12 -14.27 -11.26
C SER A 21 -0.09 -14.22 -11.27
N THR A 22 -1.42 -14.18 -11.49
N THR A 22 -1.40 -14.18 -11.45
CA THR A 22 -2.18 -13.04 -11.01
CA THR A 22 -2.19 -13.04 -11.02
C THR A 22 -2.79 -13.34 -9.65
C THR A 22 -2.81 -13.33 -9.65
N VAL A 23 -2.92 -12.30 -8.84
CA VAL A 23 -3.64 -12.45 -7.56
C VAL A 23 -5.10 -12.78 -7.83
N PRO A 24 -5.68 -13.79 -7.21
CA PRO A 24 -7.09 -14.10 -7.43
C PRO A 24 -8.01 -13.01 -6.93
N ARG A 25 -9.15 -12.83 -7.62
CA ARG A 25 -10.21 -11.90 -7.27
C ARG A 25 -11.46 -12.66 -6.88
N LEU A 26 -12.04 -12.33 -5.72
CA LEU A 26 -13.24 -12.96 -5.21
C LEU A 26 -14.24 -11.90 -4.82
N HIS A 27 -15.51 -12.12 -5.15
CA HIS A 27 -16.56 -11.17 -4.81
C HIS A 27 -17.15 -11.55 -3.46
N ARG A 28 -17.02 -10.66 -2.48
CA ARG A 28 -17.63 -10.77 -1.16
C ARG A 28 -17.62 -12.21 -0.64
N PRO A 29 -16.46 -12.83 -0.52
CA PRO A 29 -16.43 -14.20 0.03
C PRO A 29 -16.89 -14.23 1.49
N SER A 30 -17.42 -15.39 1.90
CA SER A 30 -17.81 -15.50 3.30
C SER A 30 -16.60 -15.33 4.22
N LEU A 31 -16.89 -14.96 5.48
CA LEU A 31 -15.82 -14.85 6.47
C LEU A 31 -15.08 -16.17 6.62
N GLN A 32 -15.80 -17.29 6.66
CA GLN A 32 -15.15 -18.58 6.83
C GLN A 32 -14.28 -18.92 5.63
N HIS A 33 -14.76 -18.64 4.42
CA HIS A 33 -13.97 -18.90 3.22
C HIS A 33 -12.70 -18.07 3.24
N PHE A 34 -12.81 -16.78 3.54
CA PHE A 34 -11.62 -15.95 3.64
C PHE A 34 -10.66 -16.48 4.70
N ARG A 35 -11.19 -16.84 5.87
N ARG A 35 -11.19 -16.83 5.87
CA ARG A 35 -10.34 -17.30 6.95
CA ARG A 35 -10.32 -17.27 6.96
C ARG A 35 -9.59 -18.56 6.53
C ARG A 35 -9.59 -18.56 6.59
N GLU A 36 -10.32 -19.56 6.00
N GLU A 36 -10.30 -19.55 6.05
CA GLU A 36 -9.73 -20.87 5.77
CA GLU A 36 -9.73 -20.87 5.86
C GLU A 36 -8.81 -20.88 4.58
C GLU A 36 -8.94 -21.01 4.57
N GLN A 37 -9.16 -20.18 3.49
N GLN A 37 -9.18 -20.17 3.56
CA GLN A 37 -8.42 -20.27 2.25
CA GLN A 37 -8.48 -20.27 2.28
C GLN A 37 -7.35 -19.21 2.11
C GLN A 37 -7.43 -19.18 2.07
N PHE A 38 -7.43 -18.11 2.86
CA PHE A 38 -6.51 -16.99 2.65
C PHE A 38 -5.82 -16.55 3.92
N LEU A 39 -6.57 -16.27 4.98
CA LEU A 39 -5.97 -15.71 6.19
C LEU A 39 -5.07 -16.72 6.90
N VAL A 40 -5.59 -17.90 7.21
CA VAL A 40 -4.80 -18.89 7.93
C VAL A 40 -3.62 -19.36 7.09
N PRO A 41 -3.77 -19.70 5.81
CA PRO A 41 -2.56 -20.12 5.04
C PRO A 41 -1.68 -18.97 4.62
N GLY A 42 -2.14 -17.73 4.74
CA GLY A 42 -1.29 -16.60 4.38
C GLY A 42 -1.18 -16.42 2.87
N ARG A 43 -2.32 -16.45 2.19
N ARG A 43 -2.32 -16.46 2.17
CA ARG A 43 -2.31 -16.32 0.72
CA ARG A 43 -2.33 -16.34 0.72
C ARG A 43 -2.99 -15.03 0.30
C ARG A 43 -2.99 -15.02 0.31
N PRO A 44 -2.41 -14.25 -0.60
CA PRO A 44 -3.05 -12.99 -1.01
C PRO A 44 -4.30 -13.20 -1.85
N VAL A 45 -5.18 -12.20 -1.80
CA VAL A 45 -6.40 -12.22 -2.61
C VAL A 45 -6.85 -10.78 -2.75
N ILE A 46 -7.58 -10.49 -3.83
CA ILE A 46 -8.27 -9.21 -4.03
C ILE A 46 -9.76 -9.43 -3.77
N LEU A 47 -10.33 -8.64 -2.88
CA LEU A 47 -11.74 -8.71 -2.53
C LEU A 47 -12.50 -7.64 -3.29
N LYS A 48 -13.51 -8.07 -4.04
N LYS A 48 -13.52 -8.08 -4.02
CA LYS A 48 -14.38 -7.18 -4.78
CA LYS A 48 -14.40 -7.22 -4.79
C LYS A 48 -15.75 -7.12 -4.12
C LYS A 48 -15.75 -7.10 -4.09
N GLY A 49 -16.45 -6.01 -4.35
CA GLY A 49 -17.78 -5.83 -3.80
C GLY A 49 -17.83 -5.55 -2.32
N VAL A 50 -16.70 -5.19 -1.72
CA VAL A 50 -16.63 -4.93 -0.29
C VAL A 50 -16.49 -3.45 0.00
N ALA A 51 -15.50 -2.80 -0.61
CA ALA A 51 -15.27 -1.37 -0.43
C ALA A 51 -15.84 -0.53 -1.57
N ASP A 52 -16.42 -1.16 -2.59
CA ASP A 52 -16.87 -0.38 -3.74
C ASP A 52 -17.97 0.59 -3.39
N HIS A 53 -18.63 0.45 -2.24
CA HIS A 53 -19.65 1.41 -1.83
C HIS A 53 -19.23 2.32 -0.66
N TRP A 54 -17.95 2.37 -0.32
CA TRP A 54 -17.50 3.42 0.59
C TRP A 54 -17.92 4.76 0.00
N PRO A 55 -18.42 5.71 0.80
CA PRO A 55 -18.65 7.07 0.27
C PRO A 55 -17.41 7.68 -0.38
N ALA A 56 -16.22 7.34 0.14
CA ALA A 56 -14.97 7.85 -0.43
C ALA A 56 -14.90 7.62 -1.93
N MET A 57 -15.44 6.49 -2.40
CA MET A 57 -15.26 6.10 -3.79
C MET A 57 -15.87 7.13 -4.71
N GLN A 58 -16.94 7.82 -4.27
N GLN A 58 -16.95 7.80 -4.29
CA GLN A 58 -17.52 8.85 -5.10
CA GLN A 58 -17.55 8.85 -5.10
C GLN A 58 -17.14 10.26 -4.64
C GLN A 58 -17.28 10.25 -4.61
N LYS A 59 -16.81 10.43 -3.37
CA LYS A 59 -16.64 11.77 -2.81
C LYS A 59 -15.23 12.33 -2.97
N TRP A 60 -14.22 11.47 -2.91
CA TRP A 60 -12.83 11.94 -2.82
C TRP A 60 -12.33 12.34 -4.19
N SER A 61 -12.50 13.60 -4.52
CA SER A 61 -11.83 14.22 -5.64
C SER A 61 -10.75 15.10 -5.03
N LEU A 62 -9.81 15.58 -5.87
CA LEU A 62 -8.87 16.57 -5.38
C LEU A 62 -9.57 17.74 -4.73
N GLU A 63 -10.65 18.23 -5.33
CA GLU A 63 -11.34 19.40 -4.78
C GLU A 63 -11.86 19.08 -3.38
N TYR A 64 -12.42 17.89 -3.19
CA TYR A 64 -12.94 17.51 -1.88
C TYR A 64 -11.81 17.40 -0.86
N ILE A 65 -10.72 16.75 -1.24
CA ILE A 65 -9.57 16.61 -0.36
C ILE A 65 -9.04 17.99 0.04
N GLN A 66 -8.97 18.93 -0.92
CA GLN A 66 -8.53 20.29 -0.58
C GLN A 66 -9.48 20.95 0.40
N GLU A 67 -10.79 20.79 0.17
CA GLU A 67 -11.75 21.45 1.05
C GLU A 67 -11.67 20.92 2.47
N ILE A 68 -11.51 19.61 2.62
N ILE A 68 -11.51 19.61 2.63
CA ILE A 68 -11.56 18.98 3.94
CA ILE A 68 -11.56 19.04 3.97
C ILE A 68 -10.21 18.94 4.64
C ILE A 68 -10.19 19.05 4.64
N ALA A 69 -9.11 18.84 3.89
CA ALA A 69 -7.80 18.58 4.46
C ALA A 69 -6.73 19.58 4.07
N GLY A 70 -7.04 20.50 3.16
CA GLY A 70 -6.02 21.30 2.51
C GLY A 70 -5.14 22.07 3.47
N ALA A 71 -5.72 22.57 4.56
CA ALA A 71 -4.96 23.42 5.48
C ALA A 71 -4.16 22.63 6.49
N ARG A 72 -4.29 21.31 6.52
CA ARG A 72 -3.62 20.50 7.52
C ARG A 72 -2.20 20.14 7.09
N THR A 73 -1.32 19.98 8.08
CA THR A 73 0.08 19.63 7.84
C THR A 73 0.20 18.12 7.74
N VAL A 74 0.93 17.66 6.74
CA VAL A 74 1.17 16.25 6.53
C VAL A 74 2.65 16.00 6.25
N PRO A 75 3.15 14.81 6.60
CA PRO A 75 4.48 14.41 6.19
C PRO A 75 4.48 13.97 4.74
N VAL A 76 5.52 14.38 4.03
CA VAL A 76 5.67 14.11 2.61
C VAL A 76 7.06 13.55 2.36
N GLU A 77 7.12 12.41 1.70
CA GLU A 77 8.38 11.79 1.29
C GLU A 77 8.73 12.30 -0.10
N VAL A 78 9.96 12.78 -0.28
CA VAL A 78 10.39 13.37 -1.53
C VAL A 78 11.58 12.58 -2.06
N GLY A 79 11.44 12.07 -3.27
CA GLY A 79 12.44 11.21 -3.90
C GLY A 79 11.77 9.99 -4.50
N SER A 80 12.48 9.28 -5.38
N SER A 80 12.46 9.31 -5.41
CA SER A 80 11.86 8.21 -6.15
CA SER A 80 11.85 8.20 -6.15
C SER A 80 11.46 7.02 -5.27
C SER A 80 11.45 7.06 -5.21
N ARG A 81 12.32 6.65 -4.32
CA ARG A 81 12.14 5.45 -3.51
C ARG A 81 12.79 5.70 -2.15
N TYR A 82 12.19 5.16 -1.09
CA TYR A 82 12.72 5.48 0.22
C TYR A 82 14.10 4.88 0.45
N THR A 83 14.56 4.01 -0.43
CA THR A 83 15.88 3.42 -0.35
C THR A 83 16.95 4.28 -1.00
N ASP A 84 16.57 5.39 -1.62
CA ASP A 84 17.52 6.23 -2.33
C ASP A 84 18.30 7.09 -1.35
N GLU A 85 19.47 7.55 -1.80
CA GLU A 85 20.31 8.42 -0.96
C GLU A 85 19.70 9.81 -0.82
N GLU A 86 19.24 10.39 -1.92
CA GLU A 86 18.72 11.76 -1.92
C GLU A 86 17.33 11.88 -1.30
N TRP A 87 16.67 10.75 -1.06
CA TRP A 87 15.33 10.77 -0.49
C TRP A 87 15.29 11.53 0.83
N SER A 88 14.19 12.24 1.07
CA SER A 88 14.03 12.95 2.32
C SER A 88 12.56 13.03 2.70
N GLN A 89 12.30 13.52 3.91
N GLN A 89 12.31 13.51 3.92
CA GLN A 89 10.97 13.67 4.46
CA GLN A 89 10.98 13.66 4.48
C GLN A 89 10.80 15.10 4.91
C GLN A 89 10.81 15.10 4.92
N THR A 90 9.66 15.69 4.59
CA THR A 90 9.40 17.08 4.98
C THR A 90 7.96 17.17 5.42
N LEU A 91 7.56 18.40 5.74
CA LEU A 91 6.22 18.72 6.19
C LEU A 91 5.66 19.86 5.36
N MET A 92 4.41 19.73 4.97
N MET A 92 4.40 19.75 4.97
CA MET A 92 3.74 20.85 4.31
CA MET A 92 3.76 20.82 4.23
C MET A 92 2.25 20.65 4.41
C MET A 92 2.25 20.64 4.37
N THR A 93 1.49 21.67 4.01
CA THR A 93 0.05 21.50 4.03
C THR A 93 -0.37 20.62 2.86
N VAL A 94 -1.54 20.02 3.00
CA VAL A 94 -2.11 19.25 1.91
C VAL A 94 -2.27 20.10 0.64
N ASN A 95 -2.69 21.37 0.80
CA ASN A 95 -2.79 22.23 -0.37
C ASN A 95 -1.43 22.37 -1.06
N GLU A 96 -0.36 22.60 -0.28
CA GLU A 96 0.98 22.71 -0.86
C GLU A 96 1.40 21.43 -1.55
N PHE A 97 1.13 20.29 -0.92
CA PHE A 97 1.47 19.00 -1.52
C PHE A 97 0.79 18.86 -2.88
N ILE A 98 -0.50 19.16 -2.94
CA ILE A 98 -1.23 19.03 -4.20
C ILE A 98 -0.65 19.97 -5.25
N SER A 99 -0.41 21.22 -4.86
N SER A 99 -0.41 21.24 -4.87
CA SER A 99 0.08 22.23 -5.80
CA SER A 99 0.10 22.21 -5.82
C SER A 99 1.47 21.88 -6.34
C SER A 99 1.48 21.79 -6.34
N LYS A 100 2.36 21.35 -5.48
N LYS A 100 2.38 21.37 -5.45
CA LYS A 100 3.75 21.14 -5.84
CA LYS A 100 3.77 21.15 -5.82
C LYS A 100 4.04 19.77 -6.43
C LYS A 100 4.01 19.78 -6.46
N TYR A 101 3.29 18.75 -6.02
CA TYR A 101 3.63 17.39 -6.38
C TYR A 101 2.58 16.68 -7.20
N ILE A 102 1.41 17.27 -7.41
N ILE A 102 1.40 17.26 -7.39
CA ILE A 102 0.36 16.62 -8.17
CA ILE A 102 0.33 16.62 -8.12
C ILE A 102 -0.03 17.43 -9.40
C ILE A 102 -0.04 17.42 -9.37
N VAL A 103 -0.54 18.64 -9.18
CA VAL A 103 -1.18 19.38 -10.28
C VAL A 103 -0.15 20.11 -11.14
N ASN A 104 0.80 20.80 -10.56
CA ASN A 104 1.77 21.49 -11.40
C ASN A 104 2.83 20.47 -11.77
N GLU A 105 3.30 20.56 -13.02
CA GLU A 105 4.29 19.64 -13.54
C GLU A 105 5.38 19.51 -12.49
N PRO A 106 5.37 18.46 -11.68
CA PRO A 106 6.26 18.43 -10.53
C PRO A 106 7.71 18.20 -10.89
N ARG A 107 8.58 18.81 -10.09
CA ARG A 107 10.01 18.68 -10.24
C ARG A 107 10.55 17.37 -9.68
N ASP A 108 9.91 16.82 -8.64
CA ASP A 108 10.37 15.62 -7.98
C ASP A 108 9.14 14.81 -7.65
N VAL A 109 9.35 13.53 -7.31
CA VAL A 109 8.25 12.70 -6.86
C VAL A 109 8.03 12.98 -5.38
N GLY A 110 6.81 13.30 -5.02
CA GLY A 110 6.43 13.43 -3.62
C GLY A 110 5.29 12.50 -3.31
N TYR A 111 5.24 12.04 -2.08
CA TYR A 111 4.28 11.00 -1.66
C TYR A 111 3.85 11.26 -0.24
N LEU A 112 2.54 11.43 -0.03
CA LEU A 112 1.98 11.49 1.30
C LEU A 112 1.74 10.05 1.67
N ALA A 113 2.74 9.42 2.29
CA ALA A 113 2.74 7.98 2.48
C ALA A 113 2.63 7.59 3.95
N GLN A 114 1.92 6.51 4.19
CA GLN A 114 1.89 5.84 5.47
C GLN A 114 1.57 6.81 6.61
N HIS A 115 0.50 7.58 6.44
CA HIS A 115 0.14 8.64 7.39
C HIS A 115 -1.26 8.41 7.98
N GLN A 116 -1.35 8.54 9.31
CA GLN A 116 -2.63 8.33 10.01
C GLN A 116 -3.52 9.57 9.86
N LEU A 117 -3.94 9.79 8.62
CA LEU A 117 -4.73 10.96 8.23
C LEU A 117 -6.11 10.97 8.87
N PHE A 118 -6.66 9.78 9.15
CA PHE A 118 -8.03 9.69 9.64
C PHE A 118 -8.13 10.00 11.11
N ASP A 119 -7.06 9.73 11.85
N ASP A 119 -7.06 9.72 11.86
CA ASP A 119 -6.99 10.22 13.22
CA ASP A 119 -6.98 10.22 13.24
C ASP A 119 -6.85 11.75 13.24
C ASP A 119 -6.85 11.75 13.24
N GLN A 120 -6.09 12.30 12.30
CA GLN A 120 -5.87 13.73 12.22
C GLN A 120 -7.14 14.46 11.78
N ILE A 121 -7.89 13.88 10.86
CA ILE A 121 -9.04 14.53 10.23
C ILE A 121 -10.20 13.54 10.38
N PRO A 122 -10.86 13.52 11.54
CA PRO A 122 -11.90 12.51 11.80
C PRO A 122 -13.06 12.57 10.84
N GLU A 123 -13.36 13.73 10.25
CA GLU A 123 -14.46 13.80 9.31
C GLU A 123 -14.28 12.78 8.19
N LEU A 124 -13.04 12.56 7.75
CA LEU A 124 -12.78 11.62 6.65
C LEU A 124 -13.07 10.18 7.06
N LYS A 125 -13.02 9.89 8.35
CA LYS A 125 -13.38 8.54 8.80
C LYS A 125 -14.80 8.20 8.41
N GLN A 126 -15.67 9.21 8.23
CA GLN A 126 -17.03 8.90 7.86
C GLN A 126 -17.12 8.34 6.46
N ASP A 127 -16.07 8.47 5.66
CA ASP A 127 -16.13 8.07 4.26
C ASP A 127 -15.59 6.66 4.02
N ILE A 128 -15.08 5.99 5.05
CA ILE A 128 -14.48 4.68 4.93
C ILE A 128 -15.12 3.76 5.97
N SER A 129 -14.80 2.47 5.85
N SER A 129 -14.78 2.47 5.87
CA SER A 129 -15.23 1.48 6.83
CA SER A 129 -15.21 1.51 6.87
C SER A 129 -14.12 0.44 6.97
C SER A 129 -14.16 0.41 6.96
N ILE A 130 -13.99 -0.12 8.16
CA ILE A 130 -13.02 -1.21 8.34
C ILE A 130 -13.65 -2.47 7.74
N PRO A 131 -12.98 -3.19 6.84
CA PRO A 131 -13.56 -4.44 6.31
C PRO A 131 -13.90 -5.40 7.43
N ASP A 132 -15.06 -6.07 7.33
CA ASP A 132 -15.49 -7.03 8.34
C ASP A 132 -14.53 -8.18 8.50
N TYR A 133 -13.77 -8.50 7.46
CA TYR A 133 -12.84 -9.59 7.56
C TYR A 133 -11.76 -9.37 8.63
N ALA A 134 -11.49 -8.11 8.99
CA ALA A 134 -10.49 -7.85 10.02
C ALA A 134 -10.93 -8.38 11.40
N SER A 135 -12.21 -8.64 11.59
CA SER A 135 -12.69 -9.17 12.86
C SER A 135 -12.30 -10.63 13.07
N LEU A 136 -11.73 -11.27 12.05
CA LEU A 136 -11.27 -12.63 12.17
C LEU A 136 -9.92 -12.71 12.86
N GLY A 137 -9.26 -11.55 13.09
CA GLY A 137 -7.98 -11.54 13.74
C GLY A 137 -8.13 -11.69 15.25
N ASP A 138 -6.99 -11.84 15.92
CA ASP A 138 -6.95 -12.00 17.37
C ASP A 138 -6.69 -10.68 18.11
N GLY A 139 -6.73 -9.54 17.40
CA GLY A 139 -6.49 -8.24 18.01
C GLY A 139 -7.78 -7.46 18.23
N GLU A 140 -7.63 -6.31 18.88
CA GLU A 140 -8.74 -5.41 19.17
C GLU A 140 -8.93 -4.45 18.00
N GLU A 141 -10.19 -4.14 17.69
CA GLU A 141 -10.46 -3.16 16.65
C GLU A 141 -9.83 -1.80 16.96
N GLU A 142 -9.77 -1.42 18.25
CA GLU A 142 -9.15 -0.15 18.60
C GLU A 142 -7.66 -0.12 18.35
N GLU A 143 -7.04 -1.27 18.11
CA GLU A 143 -5.62 -1.34 17.78
C GLU A 143 -5.37 -1.41 16.28
N ILE A 144 -6.42 -1.43 15.46
CA ILE A 144 -6.22 -1.41 14.01
C ILE A 144 -5.68 -0.05 13.61
N THR A 145 -4.65 -0.03 12.76
CA THR A 145 -4.01 1.21 12.32
C THR A 145 -4.45 1.52 10.89
N ILE A 146 -4.96 2.72 10.63
CA ILE A 146 -5.47 3.09 9.31
C ILE A 146 -4.56 4.19 8.75
N ASN A 147 -3.99 3.95 7.57
N ASN A 147 -3.98 3.95 7.58
CA ASN A 147 -3.05 4.88 6.97
CA ASN A 147 -3.06 4.90 6.98
C ASN A 147 -3.51 5.29 5.56
C ASN A 147 -3.51 5.29 5.57
N ALA A 148 -3.24 6.52 5.21
CA ALA A 148 -3.47 7.06 3.89
C ALA A 148 -2.19 7.02 3.08
N TRP A 149 -2.38 6.81 1.78
CA TRP A 149 -1.29 6.81 0.78
C TRP A 149 -1.78 7.60 -0.42
N PHE A 150 -1.32 8.84 -0.56
CA PHE A 150 -1.86 9.76 -1.55
C PHE A 150 -0.70 10.35 -2.32
N GLY A 151 -0.72 10.20 -3.64
CA GLY A 151 0.37 10.73 -4.42
C GLY A 151 0.11 10.65 -5.89
N PRO A 152 1.04 11.23 -6.65
CA PRO A 152 0.91 11.23 -8.10
C PRO A 152 1.22 9.87 -8.70
N GLN A 153 0.92 9.77 -9.99
CA GLN A 153 1.48 8.70 -10.79
C GLN A 153 2.98 8.63 -10.55
N GLY A 154 3.49 7.42 -10.44
CA GLY A 154 4.90 7.19 -10.39
C GLY A 154 5.50 7.00 -9.02
N THR A 155 4.73 7.17 -7.95
CA THR A 155 5.28 6.82 -6.64
C THR A 155 5.62 5.34 -6.62
N ILE A 156 6.69 5.00 -5.91
CA ILE A 156 7.16 3.63 -5.77
C ILE A 156 7.45 3.39 -4.31
N SER A 157 6.90 2.30 -3.76
CA SER A 157 7.24 1.75 -2.47
C SER A 157 8.06 0.50 -2.75
N PRO A 158 9.36 0.53 -2.47
CA PRO A 158 10.23 -0.61 -2.73
C PRO A 158 9.76 -1.85 -1.97
N LEU A 159 10.20 -3.00 -2.47
CA LEU A 159 9.81 -4.29 -1.93
C LEU A 159 10.15 -4.42 -0.45
N HIS A 160 9.14 -4.67 0.37
CA HIS A 160 9.31 -4.74 1.82
C HIS A 160 8.21 -5.60 2.42
N GLN A 161 8.36 -5.91 3.71
CA GLN A 161 7.37 -6.69 4.43
C GLN A 161 6.99 -5.98 5.70
N ASP A 162 5.76 -6.21 6.17
CA ASP A 162 5.20 -5.56 7.33
C ASP A 162 4.84 -6.59 8.39
N PRO A 163 4.76 -6.19 9.66
CA PRO A 163 4.59 -7.14 10.76
C PRO A 163 3.15 -7.43 11.16
N GLN A 164 2.18 -6.95 10.38
CA GLN A 164 0.77 -7.22 10.61
C GLN A 164 0.10 -7.56 9.28
N GLN A 165 -1.10 -8.14 9.36
CA GLN A 165 -1.93 -8.30 8.18
C GLN A 165 -2.32 -6.93 7.64
N ASN A 166 -2.62 -6.86 6.34
CA ASN A 166 -3.04 -5.59 5.74
C ASN A 166 -4.15 -5.79 4.73
N PHE A 167 -5.15 -4.90 4.80
CA PHE A 167 -6.07 -4.67 3.68
C PHE A 167 -5.72 -3.32 3.09
N LEU A 168 -5.27 -3.33 1.83
CA LEU A 168 -4.95 -2.12 1.08
C LEU A 168 -6.09 -1.84 0.12
N VAL A 169 -6.82 -0.75 0.38
CA VAL A 169 -8.02 -0.39 -0.36
C VAL A 169 -7.69 0.71 -1.34
N GLN A 170 -8.01 0.49 -2.60
CA GLN A 170 -7.76 1.48 -3.63
C GLN A 170 -8.99 2.37 -3.79
N VAL A 171 -8.84 3.68 -3.63
CA VAL A 171 -9.96 4.62 -3.77
C VAL A 171 -9.90 5.37 -5.09
N MET A 172 -8.75 5.98 -5.41
N MET A 172 -8.73 5.89 -5.45
CA MET A 172 -8.54 6.73 -6.64
CA MET A 172 -8.53 6.70 -6.63
C MET A 172 -7.35 6.12 -7.36
C MET A 172 -7.34 6.14 -7.37
N GLY A 173 -7.45 5.99 -8.68
CA GLY A 173 -6.33 5.54 -9.49
C GLY A 173 -6.03 4.05 -9.34
N ARG A 174 -4.97 3.63 -10.01
CA ARG A 174 -4.54 2.25 -10.05
C ARG A 174 -3.10 2.12 -9.58
N LYS A 175 -2.80 0.94 -9.03
CA LYS A 175 -1.46 0.58 -8.60
C LYS A 175 -1.04 -0.78 -9.15
N TYR A 176 0.19 -0.84 -9.64
N TYR A 176 0.18 -0.85 -9.67
CA TYR A 176 0.83 -2.10 -10.00
CA TYR A 176 0.79 -2.13 -9.99
C TYR A 176 1.49 -2.67 -8.74
C TYR A 176 1.46 -2.67 -8.74
N ILE A 177 1.16 -3.93 -8.41
CA ILE A 177 1.61 -4.55 -7.18
C ILE A 177 2.26 -5.88 -7.50
N ARG A 178 3.43 -6.10 -6.90
N ARG A 178 3.44 -6.10 -6.94
CA ARG A 178 4.15 -7.37 -6.99
CA ARG A 178 4.06 -7.42 -6.98
C ARG A 178 4.31 -7.95 -5.59
C ARG A 178 4.21 -7.93 -5.57
N LEU A 179 3.98 -9.23 -5.43
CA LEU A 179 3.99 -9.92 -4.14
C LEU A 179 4.87 -11.16 -4.16
N TYR A 180 5.78 -11.24 -3.20
CA TYR A 180 6.64 -12.42 -3.02
C TYR A 180 6.43 -13.01 -1.63
N SER A 181 6.29 -14.33 -1.58
N SER A 181 6.26 -14.32 -1.56
CA SER A 181 6.02 -15.01 -0.33
CA SER A 181 5.95 -14.92 -0.28
C SER A 181 7.21 -14.91 0.63
C SER A 181 7.17 -14.90 0.62
N PRO A 182 6.96 -14.96 1.94
CA PRO A 182 8.09 -15.02 2.89
C PRO A 182 9.00 -16.22 2.67
N GLN A 183 8.49 -17.29 2.07
N GLN A 183 8.51 -17.30 2.07
CA GLN A 183 9.33 -18.43 1.71
CA GLN A 183 9.40 -18.42 1.77
C GLN A 183 10.44 -18.05 0.74
C GLN A 183 10.40 -18.11 0.66
N GLU A 184 10.25 -16.99 -0.05
CA GLU A 184 11.24 -16.55 -1.02
C GLU A 184 12.21 -15.52 -0.47
N SER A 185 12.25 -15.30 0.84
CA SER A 185 13.03 -14.18 1.39
C SER A 185 14.51 -14.25 0.97
N GLY A 186 15.08 -15.45 0.92
CA GLY A 186 16.49 -15.58 0.54
C GLY A 186 16.81 -14.95 -0.79
N ALA A 187 15.89 -15.07 -1.74
CA ALA A 187 16.08 -14.59 -3.10
C ALA A 187 15.81 -13.08 -3.21
N LEU A 188 15.42 -12.45 -2.11
CA LEU A 188 15.08 -11.04 -2.13
C LEU A 188 16.13 -10.20 -1.44
N TYR A 189 17.18 -10.83 -0.90
CA TYR A 189 18.35 -10.13 -0.40
C TYR A 189 17.98 -8.96 0.51
N PRO A 190 17.37 -9.24 1.65
CA PRO A 190 17.05 -8.17 2.60
C PRO A 190 18.30 -7.40 2.98
N HIS A 191 18.14 -6.11 3.24
CA HIS A 191 19.24 -5.33 3.79
C HIS A 191 19.73 -5.94 5.08
N ASP A 192 21.03 -5.74 5.32
CA ASP A 192 21.68 -6.32 6.49
C ASP A 192 21.43 -5.48 7.72
N THR A 193 21.18 -4.19 7.58
CA THR A 193 21.08 -3.43 8.79
C THR A 193 19.76 -3.77 9.46
N HIS A 194 19.70 -3.60 10.77
CA HIS A 194 18.52 -3.98 11.50
C HIS A 194 17.32 -3.14 11.11
N LEU A 195 17.52 -1.84 10.93
CA LEU A 195 16.44 -0.91 10.62
C LEU A 195 15.86 -1.11 9.24
N LEU A 196 16.58 -1.72 8.30
CA LEU A 196 16.08 -1.92 6.95
C LEU A 196 15.98 -3.39 6.64
N HIS A 197 16.01 -4.24 7.67
N HIS A 197 16.05 -4.26 7.65
CA HIS A 197 15.97 -5.67 7.46
CA HIS A 197 16.06 -5.70 7.41
C HIS A 197 14.64 -6.12 6.87
C HIS A 197 14.75 -6.20 6.82
N ASN A 198 13.60 -5.28 6.96
N ASN A 198 13.67 -5.41 6.91
CA ASN A 198 12.32 -5.59 6.36
CA ASN A 198 12.40 -5.76 6.31
C ASN A 198 12.20 -5.10 4.93
C ASN A 198 12.22 -5.16 4.92
N THR A 199 13.29 -4.63 4.33
CA THR A 199 13.29 -4.09 2.97
C THR A 199 14.30 -4.85 2.12
N SER A 200 13.92 -5.16 0.89
CA SER A 200 14.78 -5.84 -0.05
C SER A 200 15.81 -4.88 -0.63
N GLN A 201 16.99 -5.40 -0.95
CA GLN A 201 17.98 -4.61 -1.68
C GLN A 201 17.69 -4.51 -3.17
N VAL A 202 16.75 -5.26 -3.69
CA VAL A 202 16.49 -5.37 -5.11
C VAL A 202 15.46 -4.34 -5.57
N ASP A 203 15.74 -3.71 -6.71
N ASP A 203 15.72 -3.73 -6.72
CA ASP A 203 14.77 -2.93 -7.45
CA ASP A 203 14.74 -2.89 -7.41
C ASP A 203 13.93 -3.89 -8.28
C ASP A 203 13.89 -3.77 -8.33
N VAL A 204 12.67 -4.07 -7.89
CA VAL A 204 11.85 -5.11 -8.50
C VAL A 204 11.77 -4.96 -10.00
N GLU A 205 11.56 -3.75 -10.49
CA GLU A 205 11.29 -3.58 -11.91
C GLU A 205 12.54 -3.39 -12.76
N ASN A 206 13.72 -3.33 -12.16
CA ASN A 206 14.97 -3.31 -12.93
C ASN A 206 16.04 -3.93 -12.05
N PRO A 207 15.94 -5.22 -11.80
CA PRO A 207 16.84 -5.84 -10.82
C PRO A 207 18.23 -6.01 -11.37
N ASP A 208 19.22 -5.84 -10.49
CA ASP A 208 20.61 -6.10 -10.88
C ASP A 208 20.83 -7.59 -10.73
N LEU A 209 20.70 -8.32 -11.83
CA LEU A 209 20.75 -9.77 -11.72
C LEU A 209 22.18 -10.29 -11.67
N GLU A 210 23.18 -9.45 -11.94
N GLU A 210 23.18 -9.46 -11.96
CA GLU A 210 24.56 -9.85 -11.71
CA GLU A 210 24.55 -9.87 -11.67
C GLU A 210 24.87 -9.86 -10.23
C GLU A 210 24.80 -9.90 -10.18
N LYS A 211 24.30 -8.93 -9.48
N LYS A 211 24.30 -8.89 -9.47
CA LYS A 211 24.49 -8.87 -8.03
CA LYS A 211 24.47 -8.83 -8.02
C LYS A 211 23.46 -9.70 -7.26
C LYS A 211 23.48 -9.74 -7.28
N PHE A 212 22.25 -9.85 -7.80
CA PHE A 212 21.14 -10.52 -7.11
C PHE A 212 20.55 -11.64 -7.99
N PRO A 213 21.36 -12.63 -8.36
CA PRO A 213 20.89 -13.61 -9.35
C PRO A 213 19.71 -14.43 -8.89
N LYS A 214 19.58 -14.71 -7.59
CA LYS A 214 18.48 -15.53 -7.12
C LYS A 214 17.14 -14.85 -7.33
N PHE A 215 17.13 -13.53 -7.48
CA PHE A 215 15.86 -12.84 -7.64
C PHE A 215 15.16 -13.26 -8.92
N ALA A 216 15.94 -13.64 -9.94
CA ALA A 216 15.35 -13.81 -11.27
C ALA A 216 14.35 -14.96 -11.30
N LYS A 217 14.62 -16.00 -10.54
CA LYS A 217 13.81 -17.21 -10.59
C LYS A 217 12.77 -17.26 -9.48
N ALA A 218 12.73 -16.28 -8.59
CA ALA A 218 11.79 -16.31 -7.50
C ALA A 218 10.37 -16.14 -8.01
N PRO A 219 9.44 -17.01 -7.65
CA PRO A 219 8.06 -16.83 -8.12
C PRO A 219 7.37 -15.70 -7.39
N PHE A 220 6.34 -15.15 -8.05
CA PHE A 220 5.60 -14.02 -7.48
C PHE A 220 4.19 -13.99 -8.02
N LEU A 221 3.37 -13.17 -7.38
CA LEU A 221 2.06 -12.81 -7.86
C LEU A 221 2.08 -11.34 -8.23
N SER A 222 1.21 -10.93 -9.16
CA SER A 222 1.10 -9.51 -9.48
C SER A 222 -0.34 -9.15 -9.81
N ALA A 223 -0.63 -7.87 -9.73
CA ALA A 223 -1.95 -7.38 -10.09
C ALA A 223 -1.87 -5.89 -10.35
N ILE A 224 -2.87 -5.40 -11.06
CA ILE A 224 -3.20 -3.99 -11.07
C ILE A 224 -4.43 -3.80 -10.21
N LEU A 225 -4.28 -3.08 -9.12
CA LEU A 225 -5.34 -2.81 -8.15
C LEU A 225 -6.06 -1.55 -8.59
N SER A 226 -7.36 -1.67 -8.79
N SER A 226 -7.36 -1.65 -8.80
CA SER A 226 -8.20 -0.59 -9.31
CA SER A 226 -8.17 -0.56 -9.30
C SER A 226 -9.17 -0.07 -8.26
C SER A 226 -9.16 -0.07 -8.26
N PRO A 227 -9.76 1.10 -8.47
CA PRO A 227 -10.67 1.67 -7.47
C PRO A 227 -11.77 0.70 -7.05
N GLY A 228 -12.01 0.65 -5.74
CA GLY A 228 -13.05 -0.17 -5.16
C GLY A 228 -12.59 -1.55 -4.78
N GLU A 229 -11.37 -1.92 -5.12
CA GLU A 229 -10.79 -3.23 -4.84
C GLU A 229 -9.98 -3.19 -3.56
N ILE A 230 -9.96 -4.32 -2.85
CA ILE A 230 -9.15 -4.47 -1.64
C ILE A 230 -8.13 -5.56 -1.88
N LEU A 231 -6.87 -5.26 -1.64
CA LEU A 231 -5.84 -6.28 -1.66
C LEU A 231 -5.53 -6.73 -0.23
N PHE A 232 -5.67 -8.03 0.03
CA PHE A 232 -5.20 -8.62 1.27
C PHE A 232 -3.74 -9.00 1.12
N ILE A 233 -2.89 -8.37 1.94
CA ILE A 233 -1.45 -8.66 2.00
C ILE A 233 -1.21 -9.40 3.31
N PRO A 234 -1.03 -10.72 3.25
CA PRO A 234 -0.77 -11.48 4.50
C PRO A 234 0.43 -10.94 5.24
N VAL A 235 0.38 -11.08 6.57
CA VAL A 235 1.50 -10.69 7.41
C VAL A 235 2.82 -11.24 6.86
N LYS A 236 3.80 -10.35 6.76
N LYS A 236 3.81 -10.35 6.76
CA LYS A 236 5.15 -10.63 6.30
CA LYS A 236 5.16 -10.65 6.31
C LYS A 236 5.27 -10.90 4.80
C LYS A 236 5.26 -10.97 4.81
N TYR A 237 4.18 -10.89 4.04
CA TYR A 237 4.32 -11.04 2.60
C TYR A 237 5.06 -9.83 2.03
N TRP A 238 6.05 -10.08 1.16
CA TRP A 238 6.80 -8.99 0.57
C TRP A 238 5.96 -8.34 -0.53
N HIS A 239 5.93 -7.01 -0.53
CA HIS A 239 5.11 -6.29 -1.50
C HIS A 239 5.84 -5.08 -2.02
N TYR A 240 5.63 -4.82 -3.30
CA TYR A 240 6.18 -3.69 -4.05
C TYR A 240 5.02 -3.01 -4.76
N VAL A 241 4.97 -1.67 -4.75
CA VAL A 241 3.80 -0.95 -5.22
C VAL A 241 4.25 0.26 -6.05
N ARG A 242 3.73 0.38 -7.27
CA ARG A 242 3.94 1.58 -8.10
C ARG A 242 2.59 2.14 -8.53
N ALA A 243 2.37 3.44 -8.29
CA ALA A 243 1.14 4.09 -8.72
C ALA A 243 1.19 4.34 -10.24
N LEU A 244 0.11 3.96 -10.95
CA LEU A 244 0.01 4.14 -12.40
C LEU A 244 -0.72 5.40 -12.78
N ASP A 245 -1.43 6.00 -11.84
CA ASP A 245 -2.19 7.22 -12.01
C ASP A 245 -2.10 7.97 -10.69
N LEU A 246 -2.61 9.20 -10.68
CA LEU A 246 -2.91 9.87 -9.42
C LEU A 246 -3.69 8.90 -8.55
N SER A 247 -3.21 8.68 -7.31
CA SER A 247 -3.66 7.54 -6.52
C SER A 247 -3.92 7.93 -5.08
N PHE A 248 -4.95 7.31 -4.52
CA PHE A 248 -5.25 7.40 -3.10
C PHE A 248 -5.65 6.01 -2.62
N SER A 249 -4.89 5.45 -1.70
CA SER A 249 -5.16 4.16 -1.08
C SER A 249 -5.29 4.34 0.43
N VAL A 250 -5.99 3.39 1.06
CA VAL A 250 -6.16 3.38 2.50
C VAL A 250 -5.78 1.99 2.97
N SER A 251 -4.79 1.90 3.87
N SER A 251 -4.84 1.91 3.91
CA SER A 251 -4.38 0.61 4.41
CA SER A 251 -4.36 0.64 4.42
C SER A 251 -4.91 0.43 5.83
C SER A 251 -4.86 0.42 5.85
N PHE A 252 -5.25 -0.80 6.16
CA PHE A 252 -5.70 -1.20 7.50
C PHE A 252 -4.74 -2.28 7.97
N TRP A 253 -3.97 -1.98 9.01
N TRP A 253 -3.91 -1.97 8.95
CA TRP A 253 -3.05 -2.92 9.61
CA TRP A 253 -3.02 -2.96 9.55
C TRP A 253 -3.72 -3.54 10.82
C TRP A 253 -3.70 -3.54 10.79
N TRP A 254 -3.77 -4.87 10.86
CA TRP A 254 -4.54 -5.56 11.86
C TRP A 254 -3.93 -6.92 12.14
N SER A 255 -4.33 -7.51 13.28
N SER A 255 -4.43 -7.57 13.18
CA SER A 255 -3.84 -8.82 13.68
CA SER A 255 -4.02 -8.92 13.51
C SER A 255 -4.97 -9.68 14.16
C SER A 255 -5.12 -9.58 14.30
N ARG B 3 8.40 1.66 6.14
N ARG B 3 8.96 4.39 7.59
CA ARG B 3 7.83 0.47 5.54
CA ARG B 3 9.89 4.12 6.50
C ARG B 3 8.91 -0.39 4.91
C ARG B 3 11.28 4.60 6.91
MN MN C . 3.76 -2.03 3.43
C1 OGA D . 1.17 -0.85 2.63
C2 OGA D . 2.13 -0.38 1.59
C4 OGA D . 2.67 0.93 -0.35
C5 OGA D . 2.02 1.89 -1.32
O1 OGA D . 1.64 -1.52 3.62
O2 OGA D . -0.04 -0.61 2.47
O2' OGA D . 3.38 -0.72 1.75
O3 OGA D . 0.77 1.87 -1.40
N1 OGA D . 1.73 0.36 0.54
O4 OGA D . 2.79 2.61 -1.98
H4C1 OGA D . 3.36 1.41 0.16
H4C2 OGA D . 3.11 0.22 -0.86
H1 OGA D . 0.86 0.39 0.26
C TRS E . -0.40 -17.13 9.33
C1 TRS E . -0.74 -15.82 10.00
C2 TRS E . -0.21 -16.94 7.82
C3 TRS E . -1.52 -18.13 9.60
N TRS E . 0.81 -17.69 9.92
O1 TRS E . -2.03 -15.37 9.67
O2 TRS E . 0.03 -15.59 7.53
O3 TRS E . -2.05 -18.05 10.88
H11 TRS E . -0.02 -15.07 9.71
H12 TRS E . -0.66 -15.95 11.08
H21 TRS E . -1.10 -17.28 7.30
H22 TRS E . 0.64 -17.55 7.49
H31 TRS E . -1.15 -19.13 9.42
H32 TRS E . -2.33 -17.95 8.87
HN1 TRS E . 0.74 -17.83 10.93
HN2 TRS E . 1.66 -17.22 9.63
HN3 TRS E . 0.88 -18.61 9.53
HO1 TRS E . -2.46 -16.01 9.06
HO2 TRS E . 0.16 -15.48 6.56
HO3 TRS E . -2.77 -18.71 10.97
#